data_9I20
#
_entry.id   9I20
#
_cell.length_a   1.00
_cell.length_b   1.00
_cell.length_c   1.00
_cell.angle_alpha   90.00
_cell.angle_beta   90.00
_cell.angle_gamma   90.00
#
_symmetry.space_group_name_H-M   'P 1'
#
loop_
_entity.id
_entity.type
_entity.pdbx_description
1 polymer 'Solute carrier family 35 member B1'
2 polymer 'Maltodextrin-binding protein'
3 non-polymer "ADENOSINE-5'-DIPHOSPHATE"
4 non-polymer '(1S)-2-{[(2-AMINOETHOXY)(HYDROXY)PHOSPHORYL]OXY}-1-[(PALMITOYLOXY)METHYL]ETHYL STEARATE'
#
loop_
_entity_poly.entity_id
_entity_poly.type
_entity_poly.pdbx_seq_one_letter_code
_entity_poly.pdbx_strand_id
1 'polypeptide(L)'
;MASSSSLVPDRLRLPLCFLGVFVCYFYYGILQEKITRGKYGEGAKQETFTFALTLVFIQCVINAVFAKILIQFFDTARVD
HTRSWLYAACSISYLGAMVSSNSALQFVNYPTQVLGKSCKPIPVMLLGVTLLKKKYPLAKYLCVLLIVAGVALFMYKPKK
VVGIEEHTVGYGELLLLLSLTLDGLTGVSQDHMRAHYQTGSNHMMLNINLWSTLLLGMGILFTGELWEFLSFAERYPAII
YNILLFGLTSALGQSFIFMTVVYFGPLTCSIITTTRKFFTILASVILFANPISPMQWVGTVLVFLGLGLDAKFGKGAKKT
SHGENLYFQ
;
A
2 'polypeptide(L)'
;DIVMTQSPASLTVSLGQSVTISCRASENVEYYGTSLMQWYQQKPGQPPKFLIYGASNIESGVPARFSGSGSGTDFSLNIH
PVEEDDIAMYFCQQSRKVPYTFGSGTKLEIKGSGKIEEGKLVIWINGDKGYNGLAEVGKKFEKDTGIKVTVEHPDKLEEK
FPQVAATGDGPDIIFWAHDRFGGYAQSGLLAEITPDKAFQDKLYPFTWDAVRYNGKLIAYPIAVEALSLIYNKDLLPNPP
KTWEEIPALDKELKAKGKSALMFNLQEPYFTWPLIAADGGYAFKYENGKYDIKDVGVDNAGAKAGLTFLVDLIKNKHMNA
DTDYSIAEAAFNKGETAMTINGPWAWSNIDTSKVNYGVTVLPTFKGQPSKPFVGVLSAGINAASPNKELAKEFLENYLLT
DEGLEAVNKDKPLGAVALKSYEEELVKDPRIAATMENAQKGEIMPNIPQMSAFWYAVRTAVINAASGRQTVDEALKDAQT
NALGSGEVQLQESGPGLVKPSQSLSLTCSVTGYSITSDYYWNWIRQFPGNKLEWMAYIRYDGTSDYNPSLKNRISITRDT
SKNQFFLKLNSVATEDTATYYCARAYYYDGINFDYWGQGTTLTVSSENLYFQ
;
B
#
loop_
_chem_comp.id
_chem_comp.type
_chem_comp.name
_chem_comp.formula
ADP non-polymer ADENOSINE-5'-DIPHOSPHATE 'C10 H15 N5 O10 P2'
PEV non-polymer '(1S)-2-{[(2-AMINOETHOXY)(HYDROXY)PHOSPHORYL]OXY}-1-[(PALMITOYLOXY)METHYL]ETHYL STEARATE' 'C39 H78 N O8 P'
#
# COMPACT_ATOMS: atom_id res chain seq x y z
N LEU A 12 -11.35 -25.25 -0.92
CA LEU A 12 -10.84 -25.91 -2.12
C LEU A 12 -9.32 -25.93 -2.13
N ARG A 13 -8.76 -27.08 -2.48
CA ARG A 13 -7.31 -27.16 -2.67
C ARG A 13 -6.90 -26.18 -3.77
N LEU A 14 -5.82 -25.45 -3.54
CA LEU A 14 -5.39 -24.38 -4.43
C LEU A 14 -3.91 -24.53 -4.75
N PRO A 15 -3.53 -25.59 -5.46
CA PRO A 15 -2.21 -25.62 -6.12
C PRO A 15 -2.22 -24.94 -7.47
N LEU A 16 -3.39 -24.47 -7.93
CA LEU A 16 -3.45 -23.78 -9.21
C LEU A 16 -2.57 -22.53 -9.21
N CYS A 17 -2.39 -21.89 -8.06
CA CYS A 17 -1.49 -20.75 -8.00
C CYS A 17 -0.10 -21.13 -8.49
N PHE A 18 0.46 -22.20 -7.92
CA PHE A 18 1.81 -22.61 -8.28
C PHE A 18 1.90 -22.92 -9.76
N LEU A 19 0.97 -23.74 -10.28
CA LEU A 19 1.03 -24.13 -11.67
C LEU A 19 0.92 -22.92 -12.58
N GLY A 20 -0.04 -22.03 -12.32
CA GLY A 20 -0.22 -20.87 -13.16
C GLY A 20 0.99 -19.96 -13.17
N VAL A 21 1.50 -19.63 -11.98
CA VAL A 21 2.66 -18.74 -11.91
C VAL A 21 3.85 -19.39 -12.62
N PHE A 22 4.10 -20.67 -12.33
CA PHE A 22 5.23 -21.34 -12.93
C PHE A 22 5.15 -21.32 -14.44
N VAL A 23 4.01 -21.75 -15.00
CA VAL A 23 3.91 -21.82 -16.46
C VAL A 23 4.04 -20.44 -17.07
N CYS A 24 3.30 -19.46 -16.54
CA CYS A 24 3.33 -18.13 -17.12
C CYS A 24 4.74 -17.55 -17.12
N TYR A 25 5.41 -17.58 -15.98
CA TYR A 25 6.72 -16.95 -15.91
C TYR A 25 7.80 -17.77 -16.62
N PHE A 26 7.64 -19.09 -16.70
CA PHE A 26 8.56 -19.89 -17.48
C PHE A 26 8.48 -19.51 -18.96
N TYR A 27 7.28 -19.40 -19.49
CA TYR A 27 7.13 -18.98 -20.87
C TYR A 27 7.62 -17.55 -21.05
N TYR A 28 7.39 -16.70 -20.05
CA TYR A 28 7.89 -15.33 -20.11
C TYR A 28 9.41 -15.29 -20.23
N GLY A 29 10.09 -16.12 -19.42
CA GLY A 29 11.54 -16.16 -19.50
C GLY A 29 12.04 -16.68 -20.83
N ILE A 30 11.38 -17.71 -21.35
CA ILE A 30 11.77 -18.24 -22.66
C ILE A 30 11.61 -17.17 -23.74
N LEU A 31 10.49 -16.44 -23.70
CA LEU A 31 10.26 -15.41 -24.69
C LEU A 31 11.28 -14.28 -24.56
N GLN A 32 11.62 -13.90 -23.34
CA GLN A 32 12.63 -12.86 -23.15
C GLN A 32 13.97 -13.30 -23.72
N GLU A 33 14.35 -14.55 -23.47
CA GLU A 33 15.58 -15.07 -24.06
C GLU A 33 15.52 -15.00 -25.58
N LYS A 34 14.39 -15.42 -26.16
CA LYS A 34 14.27 -15.42 -27.61
C LYS A 34 14.38 -14.02 -28.17
N ILE A 35 13.78 -13.04 -27.50
CA ILE A 35 13.72 -11.68 -28.04
C ILE A 35 15.05 -10.97 -27.87
N THR A 36 15.48 -10.79 -26.61
CA THR A 36 16.64 -9.94 -26.35
C THR A 36 17.90 -10.50 -26.98
N ARG A 37 18.11 -11.82 -26.87
CA ARG A 37 19.32 -12.46 -27.36
C ARG A 37 19.07 -13.23 -28.65
N GLY A 38 18.08 -12.81 -29.43
CA GLY A 38 17.80 -13.46 -30.68
C GLY A 38 18.79 -13.06 -31.77
N LYS A 39 18.79 -13.85 -32.84
CA LYS A 39 19.63 -13.62 -34.00
C LYS A 39 18.76 -13.12 -35.13
N TYR A 40 18.92 -11.85 -35.49
CA TYR A 40 18.16 -11.23 -36.58
C TYR A 40 19.11 -10.99 -37.75
N GLY A 41 18.81 -11.61 -38.89
CA GLY A 41 19.65 -11.49 -40.05
C GLY A 41 20.86 -12.38 -39.99
N GLU A 42 21.55 -12.49 -41.13
CA GLU A 42 22.75 -13.31 -41.24
C GLU A 42 23.82 -12.52 -41.99
N GLY A 43 25.08 -12.89 -41.74
CA GLY A 43 26.18 -12.25 -42.41
C GLY A 43 26.32 -10.78 -42.02
N ALA A 44 26.73 -9.98 -43.00
CA ALA A 44 26.91 -8.54 -42.75
C ALA A 44 25.59 -7.87 -42.39
N LYS A 45 24.46 -8.47 -42.75
CA LYS A 45 23.16 -7.90 -42.41
C LYS A 45 22.72 -8.21 -40.99
N GLN A 46 23.49 -9.02 -40.26
CA GLN A 46 23.09 -9.40 -38.91
C GLN A 46 22.93 -8.16 -38.03
N GLU A 47 21.86 -8.16 -37.24
CA GLU A 47 21.55 -7.06 -36.34
C GLU A 47 21.35 -7.62 -34.93
N THR A 48 21.10 -6.72 -33.98
CA THR A 48 20.85 -7.12 -32.60
C THR A 48 19.71 -6.27 -32.05
N PHE A 49 19.03 -6.82 -31.05
CA PHE A 49 17.87 -6.15 -30.45
C PHE A 49 18.36 -5.12 -29.45
N THR A 50 18.26 -3.84 -29.80
CA THR A 50 18.69 -2.76 -28.94
C THR A 50 17.54 -1.93 -28.40
N PHE A 51 16.29 -2.32 -28.68
CA PHE A 51 15.13 -1.53 -28.31
C PHE A 51 14.52 -2.04 -27.01
N ALA A 52 15.31 -1.95 -25.93
CA ALA A 52 14.81 -2.37 -24.62
C ALA A 52 13.70 -1.46 -24.14
N LEU A 53 13.80 -0.16 -24.41
CA LEU A 53 12.79 0.77 -23.93
C LEU A 53 11.41 0.43 -24.50
N THR A 54 11.34 0.12 -25.79
CA THR A 54 10.06 -0.23 -26.40
C THR A 54 9.51 -1.51 -25.81
N LEU A 55 10.37 -2.50 -25.58
CA LEU A 55 9.92 -3.75 -24.98
C LEU A 55 9.32 -3.50 -23.61
N VAL A 56 9.99 -2.71 -22.78
CA VAL A 56 9.47 -2.42 -21.45
C VAL A 56 8.18 -1.62 -21.55
N PHE A 57 8.09 -0.72 -22.54
CA PHE A 57 6.87 0.07 -22.71
C PHE A 57 5.69 -0.84 -23.03
N ILE A 58 5.87 -1.77 -23.95
CA ILE A 58 4.79 -2.69 -24.29
C ILE A 58 4.41 -3.53 -23.07
N GLN A 59 5.41 -4.04 -22.35
CA GLN A 59 5.12 -4.83 -21.17
C GLN A 59 4.32 -4.04 -20.15
N CYS A 60 4.70 -2.79 -19.92
CA CYS A 60 3.98 -1.96 -18.96
C CYS A 60 2.56 -1.68 -19.42
N VAL A 61 2.36 -1.45 -20.72
CA VAL A 61 1.02 -1.21 -21.22
C VAL A 61 0.13 -2.42 -20.96
N ILE A 62 0.62 -3.61 -21.29
CA ILE A 62 -0.19 -4.81 -21.11
C ILE A 62 -0.46 -5.04 -19.63
N ASN A 63 0.55 -4.85 -18.79
CA ASN A 63 0.35 -5.03 -17.35
C ASN A 63 -0.71 -4.07 -16.82
N ALA A 64 -0.65 -2.82 -17.25
CA ALA A 64 -1.64 -1.84 -16.80
C ALA A 64 -3.04 -2.24 -17.25
N VAL A 65 -3.19 -2.70 -18.48
CA VAL A 65 -4.51 -3.09 -18.96
C VAL A 65 -5.05 -4.24 -18.12
N PHE A 66 -4.23 -5.26 -17.88
CA PHE A 66 -4.70 -6.41 -17.11
C PHE A 66 -5.03 -6.01 -15.68
N ALA A 67 -4.20 -5.15 -15.07
CA ALA A 67 -4.49 -4.71 -13.71
C ALA A 67 -5.79 -3.93 -13.64
N LYS A 68 -6.05 -3.08 -14.64
CA LYS A 68 -7.31 -2.35 -14.67
C LYS A 68 -8.49 -3.30 -14.78
N ILE A 69 -8.37 -4.31 -15.64
CA ILE A 69 -9.45 -5.28 -15.77
C ILE A 69 -9.70 -5.97 -14.43
N LEU A 70 -8.63 -6.42 -13.78
CA LEU A 70 -8.78 -7.11 -12.50
C LEU A 70 -9.43 -6.23 -11.46
N ILE A 71 -8.99 -4.96 -11.37
CA ILE A 71 -9.55 -4.05 -10.38
C ILE A 71 -11.04 -3.83 -10.64
N GLN A 72 -11.39 -3.56 -11.90
CA GLN A 72 -12.77 -3.20 -12.21
C GLN A 72 -13.69 -4.41 -12.13
N PHE A 73 -13.16 -5.63 -12.20
CA PHE A 73 -13.98 -6.82 -11.95
C PHE A 73 -13.85 -7.32 -10.52
N PHE A 74 -12.64 -7.51 -10.01
CA PHE A 74 -12.43 -8.10 -8.70
C PHE A 74 -12.10 -7.02 -7.68
N ASP A 75 -12.67 -7.15 -6.48
CA ASP A 75 -12.41 -6.25 -5.37
C ASP A 75 -12.48 -4.79 -5.80
N THR A 76 -13.67 -4.37 -6.20
CA THR A 76 -13.92 -3.02 -6.65
C THR A 76 -14.35 -2.08 -5.52
N ALA A 77 -14.55 -2.59 -4.31
CA ALA A 77 -15.02 -1.77 -3.21
C ALA A 77 -13.91 -1.00 -2.51
N ARG A 78 -12.65 -1.34 -2.76
CA ARG A 78 -11.55 -0.68 -2.07
C ARG A 78 -11.38 0.76 -2.55
N VAL A 79 -10.78 1.58 -1.69
CA VAL A 79 -10.43 2.95 -1.99
C VAL A 79 -8.92 3.10 -1.84
N ASP A 80 -8.27 3.65 -2.85
CA ASP A 80 -6.82 3.78 -2.85
C ASP A 80 -6.43 5.06 -2.12
N HIS A 81 -5.73 4.91 -1.00
CA HIS A 81 -5.30 6.05 -0.20
C HIS A 81 -3.92 6.57 -0.56
N THR A 82 -3.18 5.88 -1.43
CA THR A 82 -1.84 6.30 -1.77
C THR A 82 -1.85 7.60 -2.57
N ARG A 83 -0.85 8.42 -2.34
CA ARG A 83 -0.69 9.66 -3.09
C ARG A 83 -0.09 9.39 -4.45
N SER A 84 -0.50 10.19 -5.43
CA SER A 84 -0.03 9.97 -6.80
C SER A 84 1.48 10.15 -6.91
N TRP A 85 2.03 11.15 -6.22
CA TRP A 85 3.46 11.39 -6.33
C TRP A 85 4.27 10.20 -5.81
N LEU A 86 3.75 9.50 -4.80
CA LEU A 86 4.41 8.28 -4.36
C LEU A 86 4.45 7.24 -5.47
N TYR A 87 3.33 7.09 -6.18
CA TYR A 87 3.29 6.15 -7.30
C TYR A 87 4.31 6.55 -8.36
N ALA A 88 4.39 7.84 -8.68
CA ALA A 88 5.35 8.28 -9.69
C ALA A 88 6.78 7.99 -9.25
N ALA A 89 7.10 8.30 -8.00
CA ALA A 89 8.46 8.09 -7.51
C ALA A 89 8.83 6.62 -7.53
N CYS A 90 7.92 5.75 -7.09
CA CYS A 90 8.21 4.32 -7.13
C CYS A 90 8.32 3.82 -8.56
N SER A 91 7.48 4.34 -9.45
CA SER A 91 7.50 3.90 -10.84
C SER A 91 8.80 4.27 -11.52
N ILE A 92 9.40 5.42 -11.17
CA ILE A 92 10.67 5.77 -11.78
C ILE A 92 11.69 4.66 -11.53
N SER A 93 11.83 4.25 -10.26
CA SER A 93 12.81 3.22 -9.94
C SER A 93 12.43 1.88 -10.57
N TYR A 94 11.14 1.53 -10.53
CA TYR A 94 10.71 0.25 -11.08
C TYR A 94 10.99 0.17 -12.58
N LEU A 95 10.62 1.21 -13.33
CA LEU A 95 10.91 1.25 -14.76
C LEU A 95 12.40 1.24 -15.01
N GLY A 96 13.18 2.01 -14.25
CA GLY A 96 14.61 2.02 -14.46
C GLY A 96 15.22 0.65 -14.24
N ALA A 97 14.80 -0.05 -13.18
CA ALA A 97 15.33 -1.38 -12.92
C ALA A 97 15.00 -2.32 -14.07
N MET A 98 13.75 -2.31 -14.52
CA MET A 98 13.36 -3.23 -15.58
C MET A 98 14.10 -2.92 -16.88
N VAL A 99 14.23 -1.63 -17.22
CA VAL A 99 14.92 -1.25 -18.44
C VAL A 99 16.39 -1.64 -18.37
N SER A 100 17.04 -1.37 -17.24
CA SER A 100 18.45 -1.72 -17.12
C SER A 100 18.66 -3.22 -17.20
N SER A 101 17.80 -4.00 -16.54
CA SER A 101 17.93 -5.45 -16.61
C SER A 101 17.75 -5.94 -18.04
N ASN A 102 16.76 -5.40 -18.75
CA ASN A 102 16.54 -5.83 -20.13
C ASN A 102 17.71 -5.44 -21.02
N SER A 103 18.26 -4.25 -20.82
CA SER A 103 19.37 -3.80 -21.65
C SER A 103 20.64 -4.57 -21.35
N ALA A 104 20.81 -5.04 -20.12
CA ALA A 104 22.01 -5.79 -19.77
C ALA A 104 22.16 -7.03 -20.64
N LEU A 105 21.05 -7.59 -21.10
CA LEU A 105 21.11 -8.81 -21.91
C LEU A 105 21.83 -8.57 -23.23
N GLN A 106 22.03 -7.32 -23.63
CA GLN A 106 22.81 -7.02 -24.81
C GLN A 106 24.28 -7.37 -24.66
N PHE A 107 24.75 -7.65 -23.43
CA PHE A 107 26.15 -7.95 -23.17
C PHE A 107 26.37 -9.29 -22.49
N VAL A 108 25.51 -9.67 -21.55
CA VAL A 108 25.71 -10.88 -20.77
C VAL A 108 24.74 -11.97 -21.24
N ASN A 109 25.04 -13.20 -20.85
CA ASN A 109 24.15 -14.31 -21.14
C ASN A 109 22.91 -14.23 -20.27
N TYR A 110 21.82 -14.84 -20.75
CA TYR A 110 20.58 -14.79 -20.00
C TYR A 110 20.69 -15.45 -18.63
N PRO A 111 21.30 -16.62 -18.46
CA PRO A 111 21.43 -17.18 -17.11
C PRO A 111 22.13 -16.23 -16.16
N THR A 112 23.15 -15.52 -16.64
CA THR A 112 23.82 -14.55 -15.79
C THR A 112 22.86 -13.45 -15.37
N GLN A 113 22.05 -12.96 -16.30
CA GLN A 113 21.09 -11.91 -15.96
C GLN A 113 20.08 -12.40 -14.94
N VAL A 114 19.57 -13.61 -15.11
CA VAL A 114 18.59 -14.14 -14.17
C VAL A 114 19.21 -14.29 -12.79
N LEU A 115 20.41 -14.87 -12.73
CA LEU A 115 21.07 -15.06 -11.44
C LEU A 115 21.32 -13.72 -10.77
N GLY A 116 21.80 -12.73 -11.52
CA GLY A 116 22.05 -11.43 -10.93
C GLY A 116 20.78 -10.77 -10.42
N LYS A 117 19.73 -10.80 -11.23
CA LYS A 117 18.47 -10.17 -10.83
C LYS A 117 17.77 -10.95 -9.72
N SER A 118 18.19 -12.17 -9.43
CA SER A 118 17.61 -12.94 -8.34
C SER A 118 18.20 -12.59 -6.98
N CYS A 119 19.17 -11.69 -6.92
CA CYS A 119 19.87 -11.37 -5.68
C CYS A 119 19.33 -10.10 -5.02
N LYS A 120 18.02 -9.88 -5.10
CA LYS A 120 17.42 -8.70 -4.47
C LYS A 120 17.73 -8.60 -2.98
N PRO A 121 17.76 -9.68 -2.20
CA PRO A 121 17.97 -9.53 -0.75
C PRO A 121 19.22 -8.76 -0.39
N ILE A 122 20.30 -8.90 -1.14
CA ILE A 122 21.54 -8.20 -0.81
C ILE A 122 21.28 -6.70 -0.82
N PRO A 123 20.87 -6.11 -1.95
CA PRO A 123 20.60 -4.67 -1.95
C PRO A 123 19.49 -4.25 -1.00
N VAL A 124 18.46 -5.06 -0.82
CA VAL A 124 17.39 -4.63 0.08
C VAL A 124 17.91 -4.53 1.51
N MET A 125 18.70 -5.52 1.94
CA MET A 125 19.29 -5.47 3.27
C MET A 125 20.27 -4.30 3.39
N LEU A 126 21.07 -4.06 2.35
CA LEU A 126 22.03 -2.96 2.42
C LEU A 126 21.31 -1.63 2.56
N LEU A 127 20.24 -1.43 1.79
CA LEU A 127 19.47 -0.19 1.90
C LEU A 127 18.84 -0.07 3.28
N GLY A 128 18.28 -1.17 3.79
CA GLY A 128 17.67 -1.12 5.11
C GLY A 128 18.66 -0.77 6.20
N VAL A 129 19.86 -1.35 6.13
CA VAL A 129 20.87 -1.09 7.15
C VAL A 129 21.41 0.34 7.03
N THR A 130 21.69 0.80 5.81
CA THR A 130 22.31 2.10 5.65
C THR A 130 21.31 3.24 5.75
N LEU A 131 20.12 3.07 5.16
CA LEU A 131 19.14 4.14 5.11
C LEU A 131 18.12 4.03 6.24
N LEU A 132 17.47 2.88 6.38
CA LEU A 132 16.48 2.71 7.43
C LEU A 132 17.10 2.42 8.79
N LYS A 133 18.40 2.08 8.83
CA LYS A 133 19.08 1.75 10.07
C LYS A 133 18.35 0.63 10.80
N LYS A 134 17.88 -0.35 10.04
CA LYS A 134 17.21 -1.51 10.60
C LYS A 134 18.23 -2.52 11.12
N LYS A 135 17.73 -3.53 11.83
CA LYS A 135 18.56 -4.62 12.33
C LYS A 135 17.91 -5.95 11.97
N TYR A 136 18.74 -6.95 11.70
CA TYR A 136 18.28 -8.25 11.26
C TYR A 136 18.95 -9.34 12.09
N PRO A 137 18.31 -10.50 12.20
CA PRO A 137 18.90 -11.59 12.98
C PRO A 137 20.11 -12.18 12.29
N LEU A 138 20.90 -12.92 13.07
CA LEU A 138 22.12 -13.52 12.54
C LEU A 138 21.83 -14.39 11.33
N ALA A 139 20.64 -14.99 11.28
CA ALA A 139 20.30 -15.87 10.15
C ALA A 139 20.33 -15.09 8.85
N LYS A 140 19.79 -13.88 8.83
CA LYS A 140 19.76 -13.11 7.59
C LYS A 140 21.17 -12.84 7.09
N TYR A 141 22.08 -12.45 7.97
CA TYR A 141 23.45 -12.19 7.53
C TYR A 141 24.10 -13.46 7.00
N LEU A 142 23.89 -14.59 7.68
CA LEU A 142 24.46 -15.84 7.20
C LEU A 142 23.86 -16.24 5.86
N CYS A 143 22.54 -16.07 5.70
CA CYS A 143 21.92 -16.36 4.42
C CYS A 143 22.49 -15.48 3.32
N VAL A 144 22.64 -14.18 3.59
CA VAL A 144 23.22 -13.28 2.60
C VAL A 144 24.66 -13.68 2.32
N LEU A 145 25.36 -14.20 3.32
CA LEU A 145 26.72 -14.67 3.10
C LEU A 145 26.73 -15.80 2.07
N LEU A 146 25.76 -16.71 2.16
CA LEU A 146 25.70 -17.81 1.19
C LEU A 146 25.46 -17.27 -0.22
N ILE A 147 24.57 -16.29 -0.35
CA ILE A 147 24.30 -15.72 -1.67
C ILE A 147 25.56 -15.09 -2.25
N VAL A 148 26.28 -14.32 -1.43
CA VAL A 148 27.50 -13.67 -1.91
C VAL A 148 28.52 -14.72 -2.32
N ALA A 149 28.67 -15.77 -1.52
CA ALA A 149 29.63 -16.82 -1.88
C ALA A 149 29.25 -17.46 -3.20
N GLY A 150 27.97 -17.77 -3.39
CA GLY A 150 27.55 -18.38 -4.64
C GLY A 150 27.77 -17.49 -5.83
N VAL A 151 27.42 -16.19 -5.70
CA VAL A 151 27.62 -15.26 -6.80
C VAL A 151 29.09 -15.14 -7.14
N ALA A 152 29.94 -15.03 -6.12
CA ALA A 152 31.38 -14.93 -6.36
C ALA A 152 31.89 -16.18 -7.08
N LEU A 153 31.41 -17.35 -6.66
CA LEU A 153 31.84 -18.59 -7.31
C LEU A 153 31.36 -18.66 -8.74
N PHE A 154 30.18 -18.09 -9.03
CA PHE A 154 29.65 -18.11 -10.39
C PHE A 154 30.25 -17.00 -11.24
N MET A 155 30.06 -15.75 -10.82
CA MET A 155 30.42 -14.61 -11.65
C MET A 155 31.93 -14.44 -11.83
N TYR A 156 32.75 -15.16 -11.07
CA TYR A 156 34.19 -15.00 -11.15
C TYR A 156 34.85 -16.38 -11.25
N LYS A 157 36.00 -16.40 -11.91
CA LYS A 157 36.81 -17.59 -12.07
C LYS A 157 38.26 -17.24 -11.84
N PRO A 158 39.10 -18.23 -11.53
CA PRO A 158 40.53 -17.92 -11.33
C PRO A 158 41.16 -17.24 -12.53
N LYS A 159 40.77 -17.62 -13.74
CA LYS A 159 41.32 -17.02 -14.95
C LYS A 159 40.97 -15.53 -15.00
N THR A 168 37.30 -9.28 -16.21
CA THR A 168 36.89 -8.23 -15.28
C THR A 168 35.48 -7.74 -15.61
N VAL A 169 35.01 -6.75 -14.85
CA VAL A 169 33.64 -6.27 -14.99
C VAL A 169 33.54 -5.41 -16.25
N GLY A 170 32.56 -5.72 -17.09
CA GLY A 170 32.24 -4.94 -18.25
C GLY A 170 30.96 -4.13 -18.07
N TYR A 171 30.39 -3.71 -19.20
CA TYR A 171 29.17 -2.93 -19.15
C TYR A 171 28.00 -3.75 -18.63
N GLY A 172 27.95 -5.04 -18.96
CA GLY A 172 26.83 -5.87 -18.52
C GLY A 172 26.74 -5.98 -17.01
N GLU A 173 27.88 -6.19 -16.35
CA GLU A 173 27.86 -6.30 -14.90
C GLU A 173 27.47 -4.97 -14.25
N LEU A 174 27.94 -3.86 -14.81
CA LEU A 174 27.55 -2.56 -14.30
C LEU A 174 26.05 -2.34 -14.44
N LEU A 175 25.49 -2.72 -15.59
CA LEU A 175 24.05 -2.59 -15.79
C LEU A 175 23.30 -3.47 -14.80
N LEU A 176 23.77 -4.68 -14.57
CA LEU A 176 23.11 -5.56 -13.60
C LEU A 176 23.17 -4.97 -12.19
N LEU A 177 24.31 -4.40 -11.82
CA LEU A 177 24.42 -3.77 -10.50
C LEU A 177 23.46 -2.60 -10.38
N LEU A 178 23.36 -1.78 -11.42
CA LEU A 178 22.43 -0.66 -11.39
C LEU A 178 21.00 -1.15 -11.27
N SER A 179 20.66 -2.21 -12.02
CA SER A 179 19.31 -2.76 -11.93
C SER A 179 19.02 -3.29 -10.53
N LEU A 180 20.00 -3.96 -9.92
CA LEU A 180 19.80 -4.46 -8.56
C LEU A 180 19.59 -3.31 -7.59
N THR A 181 20.38 -2.25 -7.71
CA THR A 181 20.22 -1.10 -6.83
C THR A 181 18.83 -0.48 -7.00
N LEU A 182 18.38 -0.33 -8.25
CA LEU A 182 17.07 0.25 -8.48
C LEU A 182 15.97 -0.67 -7.96
N ASP A 183 16.16 -1.99 -8.06
CA ASP A 183 15.20 -2.93 -7.52
C ASP A 183 15.12 -2.81 -5.99
N GLY A 184 16.28 -2.64 -5.34
CA GLY A 184 16.27 -2.44 -3.91
C GLY A 184 15.54 -1.16 -3.52
N LEU A 185 15.79 -0.08 -4.26
CA LEU A 185 15.09 1.17 -3.99
C LEU A 185 13.58 1.00 -4.20
N THR A 186 13.19 0.30 -5.25
CA THR A 186 11.77 0.07 -5.51
C THR A 186 11.14 -0.73 -4.39
N GLY A 187 11.84 -1.77 -3.91
CA GLY A 187 11.31 -2.54 -2.80
C GLY A 187 11.16 -1.71 -1.55
N VAL A 188 12.14 -0.86 -1.26
CA VAL A 188 12.05 0.01 -0.08
C VAL A 188 10.84 0.93 -0.20
N SER A 189 10.67 1.56 -1.36
CA SER A 189 9.55 2.47 -1.54
C SER A 189 8.22 1.74 -1.44
N GLN A 190 8.12 0.56 -2.05
CA GLN A 190 6.88 -0.19 -1.99
C GLN A 190 6.55 -0.59 -0.56
N ASP A 191 7.54 -1.04 0.20
CA ASP A 191 7.29 -1.40 1.59
C ASP A 191 6.84 -0.18 2.38
N HIS A 192 7.51 0.96 2.18
CA HIS A 192 7.14 2.17 2.91
C HIS A 192 5.69 2.55 2.64
N MET A 193 5.31 2.61 1.37
CA MET A 193 3.97 3.09 1.06
C MET A 193 2.92 2.04 1.38
N ARG A 194 3.25 0.75 1.31
CA ARG A 194 2.32 -0.27 1.76
C ARG A 194 2.07 -0.15 3.25
N ALA A 195 3.12 0.08 4.03
CA ALA A 195 2.96 0.20 5.48
C ALA A 195 2.17 1.44 5.84
N HIS A 196 2.45 2.57 5.20
CA HIS A 196 1.87 3.85 5.61
C HIS A 196 0.61 4.24 4.86
N TYR A 197 0.19 3.46 3.85
CA TYR A 197 -1.01 3.79 3.11
C TYR A 197 -1.88 2.58 2.78
N GLN A 198 -1.50 1.39 3.21
CA GLN A 198 -2.29 0.18 2.98
C GLN A 198 -2.58 0.01 1.49
N THR A 199 -1.54 0.14 0.68
CA THR A 199 -1.69 0.02 -0.76
C THR A 199 -2.03 -1.41 -1.14
N GLY A 200 -3.06 -1.58 -1.96
CA GLY A 200 -3.38 -2.90 -2.47
C GLY A 200 -2.48 -3.30 -3.63
N SER A 201 -2.36 -4.61 -3.82
CA SER A 201 -1.50 -5.11 -4.89
C SER A 201 -2.01 -4.69 -6.26
N ASN A 202 -3.33 -4.75 -6.47
CA ASN A 202 -3.87 -4.38 -7.78
C ASN A 202 -3.64 -2.91 -8.07
N HIS A 203 -3.91 -2.05 -7.09
CA HIS A 203 -3.65 -0.62 -7.28
C HIS A 203 -2.17 -0.36 -7.51
N MET A 204 -1.32 -1.03 -6.73
CA MET A 204 0.12 -1.00 -6.99
C MET A 204 0.41 -1.23 -8.46
N MET A 205 -0.01 -2.40 -8.96
CA MET A 205 0.29 -2.76 -10.34
C MET A 205 -0.24 -1.72 -11.31
N LEU A 206 -1.51 -1.36 -11.17
CA LEU A 206 -2.13 -0.45 -12.13
C LEU A 206 -1.41 0.87 -12.18
N ASN A 207 -1.22 1.52 -11.03
CA ASN A 207 -0.63 2.85 -11.03
C ASN A 207 0.83 2.82 -11.43
N ILE A 208 1.59 1.84 -10.93
CA ILE A 208 3.00 1.76 -11.29
C ILE A 208 3.15 1.59 -12.80
N ASN A 209 2.36 0.69 -13.38
CA ASN A 209 2.49 0.45 -14.80
C ASN A 209 2.00 1.65 -15.61
N LEU A 210 0.97 2.35 -15.14
CA LEU A 210 0.51 3.54 -15.85
C LEU A 210 1.59 4.61 -15.89
N TRP A 211 2.19 4.90 -14.73
CA TRP A 211 3.25 5.89 -14.70
C TRP A 211 4.45 5.45 -15.54
N SER A 212 4.81 4.18 -15.46
CA SER A 212 5.93 3.68 -16.23
C SER A 212 5.68 3.82 -17.72
N THR A 213 4.47 3.48 -18.18
CA THR A 213 4.19 3.58 -19.60
C THR A 213 4.16 5.04 -20.04
N LEU A 214 3.64 5.94 -19.21
CA LEU A 214 3.68 7.35 -19.56
C LEU A 214 5.13 7.82 -19.75
N LEU A 215 5.98 7.53 -18.75
CA LEU A 215 7.37 7.99 -18.83
C LEU A 215 8.08 7.37 -20.02
N LEU A 216 7.86 6.07 -20.26
CA LEU A 216 8.54 5.40 -21.35
C LEU A 216 8.06 5.92 -22.70
N GLY A 217 6.76 6.18 -22.84
CA GLY A 217 6.27 6.77 -24.07
C GLY A 217 6.92 8.10 -24.35
N MET A 218 6.98 8.96 -23.31
CA MET A 218 7.67 10.24 -23.48
C MET A 218 9.11 10.03 -23.91
N GLY A 219 9.81 9.10 -23.22
CA GLY A 219 11.22 8.91 -23.50
C GLY A 219 11.48 8.42 -24.91
N ILE A 220 10.73 7.41 -25.34
CA ILE A 220 10.96 6.85 -26.67
C ILE A 220 10.56 7.85 -27.74
N LEU A 221 9.46 8.59 -27.52
CA LEU A 221 9.03 9.56 -28.52
C LEU A 221 10.05 10.67 -28.68
N PHE A 222 10.60 11.18 -27.58
CA PHE A 222 11.57 12.27 -27.64
C PHE A 222 12.98 11.77 -27.92
N THR A 223 13.22 10.47 -27.88
CA THR A 223 14.52 9.92 -28.23
C THR A 223 14.60 9.49 -29.69
N GLY A 224 13.46 9.36 -30.36
CA GLY A 224 13.44 8.91 -31.74
C GLY A 224 13.62 7.42 -31.91
N GLU A 225 13.59 6.66 -30.83
CA GLU A 225 13.77 5.21 -30.92
C GLU A 225 12.53 4.52 -31.48
N LEU A 226 11.37 5.16 -31.37
CA LEU A 226 10.14 4.51 -31.85
C LEU A 226 10.22 4.23 -33.34
N TRP A 227 10.71 5.19 -34.13
CA TRP A 227 10.77 4.99 -35.58
C TRP A 227 11.79 3.91 -35.93
N GLU A 228 12.92 3.89 -35.25
CA GLU A 228 13.91 2.84 -35.49
C GLU A 228 13.32 1.47 -35.18
N PHE A 229 12.59 1.36 -34.07
CA PHE A 229 11.97 0.09 -33.73
C PHE A 229 10.94 -0.31 -34.77
N LEU A 230 10.16 0.64 -35.27
CA LEU A 230 9.16 0.30 -36.28
C LEU A 230 9.84 -0.21 -37.55
N SER A 231 10.90 0.45 -37.98
CA SER A 231 11.62 -0.04 -39.15
C SER A 231 12.20 -1.44 -38.91
N PHE A 232 12.78 -1.64 -37.72
CA PHE A 232 13.35 -2.94 -37.41
C PHE A 232 12.28 -4.03 -37.42
N ALA A 233 11.12 -3.75 -36.84
CA ALA A 233 10.03 -4.71 -36.86
C ALA A 233 9.58 -5.00 -38.28
N GLU A 234 9.51 -3.97 -39.13
CA GLU A 234 9.17 -4.18 -40.52
C GLU A 234 10.17 -5.14 -41.16
N ARG A 235 11.45 -4.97 -40.86
CA ARG A 235 12.45 -5.89 -41.43
C ARG A 235 12.24 -7.32 -40.96
N TYR A 236 11.89 -7.50 -39.69
CA TYR A 236 11.70 -8.82 -39.09
C TYR A 236 10.34 -8.84 -38.39
N PRO A 237 9.25 -9.04 -39.13
CA PRO A 237 7.92 -8.94 -38.52
C PRO A 237 7.66 -9.97 -37.44
N ALA A 238 8.41 -11.07 -37.42
CA ALA A 238 8.15 -12.12 -36.44
C ALA A 238 8.28 -11.62 -35.01
N ILE A 239 9.06 -10.56 -34.79
CA ILE A 239 9.28 -10.08 -33.43
C ILE A 239 8.02 -9.51 -32.80
N ILE A 240 7.06 -9.05 -33.61
CA ILE A 240 5.87 -8.44 -33.03
C ILE A 240 5.07 -9.47 -32.24
N TYR A 241 4.91 -10.68 -32.79
CA TYR A 241 4.20 -11.72 -32.06
C TYR A 241 4.93 -12.09 -30.79
N ASN A 242 6.26 -12.19 -30.85
CA ASN A 242 7.02 -12.54 -29.66
C ASN A 242 6.85 -11.48 -28.58
N ILE A 243 6.89 -10.20 -28.96
CA ILE A 243 6.73 -9.13 -27.97
C ILE A 243 5.33 -9.18 -27.37
N LEU A 244 4.31 -9.38 -28.20
CA LEU A 244 2.96 -9.43 -27.67
C LEU A 244 2.79 -10.59 -26.70
N LEU A 245 3.32 -11.76 -27.05
CA LEU A 245 3.22 -12.90 -26.14
C LEU A 245 4.00 -12.66 -24.87
N PHE A 246 5.16 -11.99 -24.99
CA PHE A 246 5.95 -11.65 -23.81
C PHE A 246 5.14 -10.78 -22.85
N GLY A 247 4.49 -9.75 -23.38
CA GLY A 247 3.67 -8.91 -22.54
C GLY A 247 2.50 -9.65 -21.92
N LEU A 248 1.83 -10.48 -22.72
CA LEU A 248 0.69 -11.23 -22.20
C LEU A 248 1.12 -12.18 -21.09
N THR A 249 2.24 -12.88 -21.27
CA THR A 249 2.73 -13.78 -20.23
C THR A 249 3.10 -13.01 -18.98
N SER A 250 3.73 -11.85 -19.13
CA SER A 250 4.06 -11.05 -17.96
C SER A 250 2.79 -10.66 -17.20
N ALA A 251 1.76 -10.22 -17.93
CA ALA A 251 0.54 -9.80 -17.27
C ALA A 251 -0.16 -10.97 -16.57
N LEU A 252 -0.23 -12.12 -17.24
CA LEU A 252 -0.87 -13.28 -16.62
C LEU A 252 -0.11 -13.73 -15.38
N GLY A 253 1.22 -13.74 -15.44
CA GLY A 253 2.01 -14.06 -14.27
C GLY A 253 1.77 -13.08 -13.15
N GLN A 254 1.64 -11.81 -13.49
CA GLN A 254 1.36 -10.80 -12.47
C GLN A 254 0.02 -11.07 -11.79
N SER A 255 -1.01 -11.38 -12.59
CA SER A 255 -2.32 -11.66 -12.02
C SER A 255 -2.29 -12.89 -11.13
N PHE A 256 -1.60 -13.95 -11.57
CA PHE A 256 -1.50 -15.14 -10.74
C PHE A 256 -0.70 -14.88 -9.48
N ILE A 257 0.31 -14.02 -9.54
CA ILE A 257 1.06 -13.63 -8.34
C ILE A 257 0.14 -12.92 -7.37
N PHE A 258 -0.69 -12.00 -7.87
CA PHE A 258 -1.64 -11.32 -7.01
C PHE A 258 -2.58 -12.32 -6.35
N MET A 259 -3.10 -13.27 -7.12
CA MET A 259 -4.01 -14.26 -6.56
C MET A 259 -3.31 -15.11 -5.51
N THR A 260 -2.06 -15.50 -5.77
CA THR A 260 -1.31 -16.31 -4.82
C THR A 260 -1.11 -15.55 -3.51
N VAL A 261 -0.69 -14.30 -3.59
CA VAL A 261 -0.46 -13.53 -2.37
C VAL A 261 -1.77 -13.33 -1.62
N VAL A 262 -2.88 -13.16 -2.34
CA VAL A 262 -4.18 -13.05 -1.68
C VAL A 262 -4.51 -14.33 -0.93
N TYR A 263 -4.30 -15.47 -1.57
CA TYR A 263 -4.72 -16.74 -0.98
C TYR A 263 -3.67 -17.39 -0.08
N PHE A 264 -2.40 -17.00 -0.21
CA PHE A 264 -1.35 -17.66 0.56
C PHE A 264 -0.31 -16.71 1.15
N GLY A 265 -0.42 -15.40 0.93
CA GLY A 265 0.52 -14.47 1.49
C GLY A 265 1.78 -14.36 0.66
N PRO A 266 2.74 -13.56 1.14
CA PRO A 266 3.95 -13.29 0.34
C PRO A 266 5.00 -14.38 0.40
N LEU A 267 5.03 -15.16 1.49
CA LEU A 267 6.06 -16.18 1.63
C LEU A 267 5.92 -17.26 0.56
N THR A 268 4.69 -17.71 0.34
CA THR A 268 4.46 -18.72 -0.70
C THR A 268 4.81 -18.17 -2.07
N CYS A 269 4.46 -16.90 -2.33
CA CYS A 269 4.80 -16.29 -3.60
C CYS A 269 6.31 -16.24 -3.79
N SER A 270 7.04 -15.88 -2.75
CA SER A 270 8.50 -15.82 -2.85
C SER A 270 9.07 -17.19 -3.15
N ILE A 271 8.59 -18.23 -2.46
CA ILE A 271 9.11 -19.57 -2.70
C ILE A 271 8.82 -20.00 -4.13
N ILE A 272 7.60 -19.75 -4.60
CA ILE A 272 7.23 -20.16 -5.96
C ILE A 272 8.10 -19.43 -6.97
N THR A 273 8.30 -18.13 -6.79
CA THR A 273 9.13 -17.38 -7.73
C THR A 273 10.56 -17.87 -7.71
N THR A 274 11.08 -18.22 -6.54
CA THR A 274 12.46 -18.71 -6.46
C THR A 274 12.62 -20.02 -7.22
N THR A 275 11.71 -20.98 -6.99
CA THR A 275 11.80 -22.23 -7.73
C THR A 275 11.62 -22.01 -9.22
N ARG A 276 10.72 -21.09 -9.59
CA ARG A 276 10.54 -20.77 -11.00
C ARG A 276 11.82 -20.22 -11.61
N LYS A 277 12.51 -19.35 -10.89
CA LYS A 277 13.75 -18.78 -11.41
C LYS A 277 14.80 -19.87 -11.59
N PHE A 278 14.90 -20.79 -10.64
CA PHE A 278 15.87 -21.87 -10.78
C PHE A 278 15.56 -22.71 -12.01
N PHE A 279 14.29 -23.05 -12.20
CA PHE A 279 13.92 -23.86 -13.37
C PHE A 279 14.11 -23.08 -14.66
N THR A 280 13.91 -21.76 -14.63
CA THR A 280 14.16 -20.95 -15.81
C THR A 280 15.63 -20.98 -16.19
N ILE A 281 16.52 -20.87 -15.20
CA ILE A 281 17.95 -20.95 -15.48
C ILE A 281 18.28 -22.32 -16.07
N LEU A 282 17.74 -23.38 -15.48
CA LEU A 282 18.03 -24.72 -15.97
C LEU A 282 17.56 -24.88 -17.42
N ALA A 283 16.34 -24.42 -17.71
CA ALA A 283 15.81 -24.54 -19.06
C ALA A 283 16.60 -23.71 -20.05
N SER A 284 17.03 -22.51 -19.65
CA SER A 284 17.83 -21.68 -20.54
C SER A 284 19.15 -22.35 -20.86
N VAL A 285 19.78 -22.98 -19.87
CA VAL A 285 21.03 -23.70 -20.12
C VAL A 285 20.78 -24.88 -21.06
N ILE A 286 19.72 -25.64 -20.81
CA ILE A 286 19.52 -26.88 -21.56
C ILE A 286 19.12 -26.59 -23.00
N LEU A 287 18.20 -25.64 -23.20
CA LEU A 287 17.60 -25.46 -24.52
C LEU A 287 18.49 -24.64 -25.43
N PHE A 288 18.94 -23.48 -24.96
CA PHE A 288 19.66 -22.52 -25.79
C PHE A 288 21.16 -22.76 -25.80
N ALA A 289 21.62 -23.87 -25.23
CA ALA A 289 23.03 -24.26 -25.30
C ALA A 289 23.94 -23.17 -24.75
N ASN A 290 23.53 -22.55 -23.66
CA ASN A 290 24.38 -21.59 -22.97
C ASN A 290 25.49 -22.34 -22.24
N PRO A 291 26.77 -22.05 -22.50
CA PRO A 291 27.83 -22.80 -21.81
C PRO A 291 27.91 -22.42 -20.34
N ILE A 292 28.11 -23.43 -19.51
CA ILE A 292 28.20 -23.23 -18.06
C ILE A 292 29.09 -24.31 -17.48
N SER A 293 30.12 -23.91 -16.75
CA SER A 293 31.05 -24.86 -16.17
C SER A 293 30.43 -25.53 -14.95
N PRO A 294 30.87 -26.74 -14.61
CA PRO A 294 30.32 -27.41 -13.42
C PRO A 294 30.52 -26.60 -12.15
N MET A 295 31.62 -25.86 -12.04
CA MET A 295 31.82 -25.01 -10.88
C MET A 295 30.76 -23.93 -10.80
N GLN A 296 30.37 -23.37 -11.94
CA GLN A 296 29.32 -22.36 -11.95
C GLN A 296 28.00 -22.91 -11.45
N TRP A 297 27.76 -24.21 -11.67
CA TRP A 297 26.53 -24.82 -11.16
C TRP A 297 26.48 -24.76 -9.65
N VAL A 298 27.61 -25.01 -8.99
CA VAL A 298 27.66 -24.92 -7.54
C VAL A 298 27.28 -23.51 -7.10
N GLY A 299 27.73 -22.50 -7.83
CA GLY A 299 27.40 -21.14 -7.47
C GLY A 299 25.91 -20.88 -7.49
N THR A 300 25.25 -21.28 -8.57
CA THR A 300 23.81 -21.03 -8.68
C THR A 300 23.03 -21.83 -7.65
N VAL A 301 23.40 -23.08 -7.41
CA VAL A 301 22.68 -23.87 -6.43
C VAL A 301 22.86 -23.27 -5.03
N LEU A 302 24.08 -22.79 -4.72
CA LEU A 302 24.30 -22.13 -3.44
C LEU A 302 23.47 -20.87 -3.32
N VAL A 303 23.40 -20.08 -4.39
CA VAL A 303 22.62 -18.84 -4.36
C VAL A 303 21.17 -19.16 -4.07
N PHE A 304 20.63 -20.17 -4.76
CA PHE A 304 19.21 -20.48 -4.58
C PHE A 304 18.94 -21.10 -3.22
N LEU A 305 19.86 -21.91 -2.71
CA LEU A 305 19.70 -22.44 -1.37
C LEU A 305 19.70 -21.32 -0.34
N GLY A 306 20.61 -20.36 -0.49
CA GLY A 306 20.62 -19.22 0.42
C GLY A 306 19.35 -18.41 0.32
N LEU A 307 18.85 -18.20 -0.90
CA LEU A 307 17.61 -17.46 -1.07
C LEU A 307 16.45 -18.17 -0.37
N GLY A 308 16.36 -19.48 -0.54
CA GLY A 308 15.30 -20.23 0.11
C GLY A 308 15.41 -20.18 1.63
N LEU A 309 16.62 -20.34 2.15
CA LEU A 309 16.78 -20.26 3.60
C LEU A 309 16.41 -18.89 4.13
N ASP A 310 16.81 -17.83 3.42
CA ASP A 310 16.43 -16.48 3.82
C ASP A 310 14.91 -16.34 3.82
N ALA A 311 14.25 -16.87 2.80
CA ALA A 311 12.78 -16.83 2.79
C ALA A 311 12.20 -17.55 4.00
N LYS A 312 12.77 -18.71 4.34
CA LYS A 312 12.27 -19.46 5.49
C LYS A 312 12.46 -18.68 6.79
N PHE A 313 13.64 -18.06 6.98
CA PHE A 313 13.97 -17.38 8.21
C PHE A 313 13.73 -15.88 8.13
N GLY A 314 12.73 -15.47 7.36
CA GLY A 314 12.39 -14.05 7.25
C GLY A 314 13.57 -13.17 6.91
N ASP B 1 -18.30 -6.42 11.41
CA ASP B 1 -17.26 -5.35 11.51
C ASP B 1 -16.47 -5.50 12.80
N ILE B 2 -15.31 -4.85 12.86
CA ILE B 2 -14.44 -4.95 14.01
C ILE B 2 -15.07 -4.23 15.20
N VAL B 3 -14.96 -4.83 16.37
CA VAL B 3 -15.50 -4.28 17.61
C VAL B 3 -14.33 -3.95 18.53
N MET B 4 -14.28 -2.72 19.03
CA MET B 4 -13.23 -2.27 19.93
C MET B 4 -13.80 -2.20 21.34
N THR B 5 -13.12 -2.83 22.28
CA THR B 5 -13.56 -2.90 23.67
C THR B 5 -12.50 -2.25 24.55
N GLN B 6 -12.94 -1.32 25.40
CA GLN B 6 -12.08 -0.67 26.38
C GLN B 6 -12.48 -1.19 27.76
N SER B 7 -11.53 -1.81 28.46
CA SER B 7 -11.87 -2.52 29.68
C SER B 7 -12.22 -1.59 30.83
N PRO B 8 -11.37 -0.63 31.22
CA PRO B 8 -11.72 0.25 32.34
C PRO B 8 -12.71 1.31 31.89
N ALA B 9 -13.97 1.16 32.31
CA ALA B 9 -14.98 2.13 31.95
C ALA B 9 -14.68 3.49 32.58
N SER B 10 -14.22 3.49 33.83
CA SER B 10 -13.89 4.72 34.53
C SER B 10 -12.70 4.47 35.43
N LEU B 11 -11.78 5.44 35.49
CA LEU B 11 -10.59 5.36 36.31
C LEU B 11 -10.53 6.54 37.27
N THR B 12 -10.19 6.27 38.52
CA THR B 12 -9.93 7.29 39.52
C THR B 12 -8.43 7.35 39.76
N VAL B 13 -7.84 8.51 39.51
CA VAL B 13 -6.39 8.67 39.55
C VAL B 13 -6.05 9.90 40.38
N SER B 14 -4.87 9.86 41.00
CA SER B 14 -4.31 11.00 41.70
C SER B 14 -3.28 11.69 40.81
N LEU B 15 -3.19 13.00 40.94
CA LEU B 15 -2.30 13.77 40.08
C LEU B 15 -0.87 13.31 40.27
N GLY B 16 -0.16 13.14 39.15
CA GLY B 16 1.20 12.65 39.17
C GLY B 16 1.34 11.15 39.00
N GLN B 17 0.24 10.41 39.05
CA GLN B 17 0.29 8.97 38.84
C GLN B 17 0.40 8.65 37.37
N SER B 18 0.71 7.40 37.07
CA SER B 18 0.75 6.88 35.71
C SER B 18 -0.47 6.01 35.48
N VAL B 19 -1.21 6.27 34.41
CA VAL B 19 -2.45 5.58 34.10
C VAL B 19 -2.30 4.92 32.75
N THR B 20 -2.72 3.66 32.65
CA THR B 20 -2.73 2.91 31.40
C THR B 20 -4.16 2.55 31.06
N ILE B 21 -4.59 2.91 29.85
CA ILE B 21 -5.93 2.61 29.35
C ILE B 21 -5.80 1.55 28.26
N SER B 22 -6.53 0.45 28.41
CA SER B 22 -6.46 -0.66 27.48
C SER B 22 -7.55 -0.55 26.42
N CYS B 23 -7.29 -1.19 25.28
CA CYS B 23 -8.26 -1.22 24.18
C CYS B 23 -8.01 -2.50 23.40
N ARG B 24 -9.00 -3.37 23.33
CA ARG B 24 -8.88 -4.66 22.69
C ARG B 24 -9.79 -4.74 21.47
N ALA B 25 -9.27 -5.33 20.40
CA ALA B 25 -10.00 -5.42 19.14
C ALA B 25 -10.45 -6.86 18.89
N SER B 26 -11.58 -7.00 18.20
CA SER B 26 -12.11 -8.32 17.90
C SER B 26 -11.34 -9.03 16.81
N GLU B 27 -10.51 -8.31 16.06
CA GLU B 27 -9.73 -8.91 14.97
C GLU B 27 -8.37 -8.24 14.94
N ASN B 28 -7.41 -8.96 14.36
CA ASN B 28 -6.07 -8.39 14.18
C ASN B 28 -6.16 -7.15 13.30
N VAL B 29 -5.54 -6.07 13.76
CA VAL B 29 -5.58 -4.79 13.06
C VAL B 29 -4.20 -4.41 12.51
N GLU B 30 -3.29 -5.36 12.42
CA GLU B 30 -1.98 -5.11 11.86
C GLU B 30 -2.02 -5.30 10.36
N TYR B 31 -1.14 -4.57 9.65
CA TYR B 31 -1.09 -4.63 8.20
C TYR B 31 0.33 -4.28 7.77
N TYR B 32 1.09 -5.31 7.37
CA TYR B 32 2.47 -5.12 6.94
C TYR B 32 3.28 -4.40 8.02
N GLY B 33 3.13 -4.87 9.25
CA GLY B 33 3.91 -4.36 10.36
C GLY B 33 3.38 -3.10 10.99
N THR B 34 2.29 -2.53 10.49
CA THR B 34 1.71 -1.31 11.03
C THR B 34 0.40 -1.63 11.71
N SER B 35 0.24 -1.12 12.93
CA SER B 35 -1.00 -1.27 13.68
C SER B 35 -1.88 -0.05 13.40
N LEU B 36 -3.01 -0.28 12.76
CA LEU B 36 -3.90 0.80 12.33
C LEU B 36 -4.84 1.14 13.48
N MET B 37 -4.32 1.89 14.44
CA MET B 37 -5.09 2.31 15.60
C MET B 37 -4.87 3.79 15.85
N GLN B 38 -5.89 4.44 16.41
CA GLN B 38 -5.83 5.85 16.75
C GLN B 38 -6.42 6.05 18.14
N TRP B 39 -6.01 7.13 18.79
CA TRP B 39 -6.52 7.49 20.10
C TRP B 39 -7.00 8.93 20.08
N TYR B 40 -8.13 9.19 20.74
CA TYR B 40 -8.74 10.51 20.77
C TYR B 40 -9.06 10.88 22.20
N GLN B 41 -9.08 12.18 22.46
CA GLN B 41 -9.44 12.74 23.76
C GLN B 41 -10.60 13.70 23.58
N GLN B 42 -11.61 13.60 24.45
CA GLN B 42 -12.81 14.42 24.35
C GLN B 42 -13.15 14.97 25.72
N LYS B 43 -13.04 16.29 25.87
CA LYS B 43 -13.51 16.95 27.08
C LYS B 43 -15.03 17.10 27.00
N PRO B 44 -15.70 17.23 28.15
CA PRO B 44 -17.16 17.33 28.12
C PRO B 44 -17.64 18.48 27.27
N GLY B 45 -18.50 18.17 26.31
CA GLY B 45 -19.10 19.18 25.46
C GLY B 45 -18.24 19.66 24.31
N GLN B 46 -17.08 19.05 24.10
CA GLN B 46 -16.15 19.43 23.05
C GLN B 46 -15.98 18.28 22.07
N PRO B 47 -15.58 18.57 20.83
CA PRO B 47 -15.30 17.49 19.90
C PRO B 47 -14.05 16.73 20.31
N PRO B 48 -13.93 15.46 19.91
CA PRO B 48 -12.72 14.72 20.27
C PRO B 48 -11.47 15.37 19.69
N LYS B 49 -10.36 15.21 20.41
CA LYS B 49 -9.07 15.75 20.01
C LYS B 49 -8.17 14.61 19.59
N PHE B 50 -7.60 14.72 18.40
CA PHE B 50 -6.77 13.66 17.85
C PHE B 50 -5.42 13.63 18.57
N LEU B 51 -4.99 12.44 18.99
CA LEU B 51 -3.79 12.28 19.78
C LEU B 51 -2.73 11.43 19.10
N ILE B 52 -3.07 10.22 18.66
CA ILE B 52 -2.09 9.24 18.21
C ILE B 52 -2.55 8.64 16.89
N TYR B 53 -1.63 8.57 15.93
CA TYR B 53 -1.83 7.81 14.70
C TYR B 53 -0.92 6.59 14.74
N GLY B 54 -1.46 5.45 14.35
CA GLY B 54 -0.77 4.21 14.56
C GLY B 54 -0.86 3.83 16.03
N ALA B 55 -0.17 2.75 16.38
CA ALA B 55 -0.20 2.29 17.76
C ALA B 55 0.65 3.15 18.68
N SER B 56 1.71 3.75 18.14
CA SER B 56 2.71 4.40 18.99
C SER B 56 2.97 5.85 18.65
N ASN B 57 2.92 6.22 17.37
CA ASN B 57 3.31 7.57 16.99
C ASN B 57 2.40 8.61 17.63
N ILE B 58 2.98 9.74 18.01
CA ILE B 58 2.28 10.81 18.70
C ILE B 58 2.13 11.97 17.74
N GLU B 59 0.91 12.53 17.67
CA GLU B 59 0.67 13.67 16.80
C GLU B 59 1.51 14.84 17.25
N SER B 60 2.01 15.61 16.28
CA SER B 60 2.83 16.77 16.60
C SER B 60 2.03 17.78 17.42
N GLY B 61 2.67 18.32 18.45
CA GLY B 61 2.03 19.25 19.35
C GLY B 61 1.42 18.63 20.59
N VAL B 62 1.19 17.32 20.58
CA VAL B 62 0.69 16.65 21.78
C VAL B 62 1.80 16.58 22.82
N PRO B 63 1.51 16.71 24.11
CA PRO B 63 2.58 16.66 25.10
C PRO B 63 3.29 15.32 25.10
N ALA B 64 4.53 15.33 25.57
CA ALA B 64 5.32 14.12 25.66
C ALA B 64 4.77 13.14 26.69
N ARG B 65 3.82 13.57 27.52
CA ARG B 65 3.27 12.67 28.54
C ARG B 65 2.60 11.46 27.89
N PHE B 66 1.84 11.68 26.83
CA PHE B 66 1.11 10.60 26.20
C PHE B 66 2.04 9.68 25.43
N SER B 67 1.73 8.39 25.45
CA SER B 67 2.55 7.40 24.76
C SER B 67 1.73 6.13 24.56
N GLY B 68 1.64 5.68 23.31
CA GLY B 68 0.91 4.48 22.98
C GLY B 68 1.82 3.27 22.88
N SER B 69 1.20 2.09 22.89
CA SER B 69 1.94 0.84 22.80
C SER B 69 0.96 -0.27 22.42
N GLY B 70 1.49 -1.48 22.29
CA GLY B 70 0.69 -2.64 21.96
C GLY B 70 0.73 -2.97 20.48
N SER B 71 0.36 -4.21 20.18
CA SER B 71 0.33 -4.69 18.80
C SER B 71 -0.64 -5.85 18.71
N GLY B 72 -1.05 -6.16 17.48
CA GLY B 72 -1.99 -7.23 17.24
C GLY B 72 -3.42 -6.83 17.53
N THR B 73 -4.01 -7.41 18.57
CA THR B 73 -5.37 -7.08 18.96
C THR B 73 -5.46 -6.31 20.26
N ASP B 74 -4.37 -6.22 21.02
CA ASP B 74 -4.37 -5.55 22.32
C ASP B 74 -3.50 -4.30 22.26
N PHE B 75 -4.06 -3.17 22.69
CA PHE B 75 -3.35 -1.91 22.68
C PHE B 75 -3.61 -1.18 24.00
N SER B 76 -2.74 -0.23 24.31
CA SER B 76 -2.88 0.53 25.53
C SER B 76 -2.32 1.93 25.35
N LEU B 77 -2.90 2.89 26.07
CA LEU B 77 -2.45 4.27 26.09
C LEU B 77 -1.96 4.60 27.49
N ASN B 78 -0.79 5.21 27.59
CA ASN B 78 -0.16 5.47 28.88
C ASN B 78 0.16 6.95 29.02
N ILE B 79 -0.21 7.52 30.16
CA ILE B 79 0.13 8.89 30.53
C ILE B 79 0.92 8.81 31.81
N HIS B 80 2.25 9.02 31.74
CA HIS B 80 3.07 8.81 32.93
C HIS B 80 2.79 9.85 33.99
N PRO B 81 3.04 11.15 33.78
CA PRO B 81 2.49 12.15 34.71
C PRO B 81 1.14 12.64 34.25
N VAL B 82 0.14 12.62 35.13
CA VAL B 82 -1.21 13.05 34.80
C VAL B 82 -1.49 14.37 35.50
N GLU B 83 -1.91 15.36 34.72
CA GLU B 83 -2.26 16.68 35.24
C GLU B 83 -3.75 16.92 35.06
N GLU B 84 -4.25 17.96 35.71
CA GLU B 84 -5.66 18.29 35.59
C GLU B 84 -6.05 18.59 34.16
N ASP B 85 -5.10 18.94 33.30
CA ASP B 85 -5.41 19.26 31.92
C ASP B 85 -5.97 18.05 31.18
N ASP B 86 -5.41 16.88 31.43
CA ASP B 86 -5.72 15.68 30.64
C ASP B 86 -6.67 14.73 31.35
N ILE B 87 -7.65 15.25 32.07
CA ILE B 87 -8.73 14.45 32.63
C ILE B 87 -9.91 14.57 31.67
N ALA B 88 -10.21 13.50 30.96
CA ALA B 88 -11.24 13.55 29.93
C ALA B 88 -11.58 12.11 29.53
N MET B 89 -12.39 11.98 28.48
CA MET B 89 -12.73 10.68 27.91
C MET B 89 -11.77 10.36 26.78
N TYR B 90 -11.33 9.11 26.72
CA TYR B 90 -10.40 8.65 25.70
C TYR B 90 -11.04 7.56 24.86
N PHE B 91 -10.93 7.70 23.55
CA PHE B 91 -11.53 6.78 22.59
C PHE B 91 -10.45 6.16 21.72
N CYS B 92 -10.58 4.88 21.44
CA CYS B 92 -9.70 4.17 20.53
C CYS B 92 -10.51 3.70 19.33
N GLN B 93 -10.02 3.98 18.13
CA GLN B 93 -10.70 3.58 16.91
C GLN B 93 -9.71 2.94 15.96
N GLN B 94 -10.11 1.82 15.38
CA GLN B 94 -9.31 1.13 14.38
C GLN B 94 -9.62 1.67 12.99
N SER B 95 -8.73 1.37 12.05
CA SER B 95 -8.94 1.75 10.66
C SER B 95 -8.54 0.61 9.72
N ARG B 96 -8.68 -0.63 10.17
CA ARG B 96 -8.30 -1.77 9.34
C ARG B 96 -9.34 -2.04 8.26
N LYS B 97 -10.62 -1.91 8.59
CA LYS B 97 -11.69 -2.21 7.66
C LYS B 97 -12.52 -0.96 7.40
N VAL B 98 -13.25 -0.97 6.28
CA VAL B 98 -13.91 0.25 5.82
C VAL B 98 -14.87 0.83 6.86
N PRO B 99 -15.65 0.04 7.60
CA PRO B 99 -16.46 0.67 8.66
C PRO B 99 -15.60 0.99 9.87
N TYR B 100 -15.25 2.26 10.05
CA TYR B 100 -14.39 2.65 11.15
C TYR B 100 -15.19 2.69 12.44
N THR B 101 -14.68 2.05 13.48
CA THR B 101 -15.39 1.89 14.73
C THR B 101 -14.57 2.48 15.88
N PHE B 102 -15.28 3.03 16.87
CA PHE B 102 -14.67 3.63 18.04
C PHE B 102 -14.97 2.79 19.26
N GLY B 103 -14.09 2.89 20.26
CA GLY B 103 -14.32 2.21 21.52
C GLY B 103 -15.40 2.89 22.33
N SER B 104 -15.87 2.17 23.35
CA SER B 104 -16.93 2.71 24.20
C SER B 104 -16.47 3.95 24.95
N GLY B 105 -15.17 4.12 25.16
CA GLY B 105 -14.66 5.29 25.83
C GLY B 105 -14.30 5.04 27.28
N THR B 106 -13.18 5.60 27.72
CA THR B 106 -12.72 5.48 29.10
C THR B 106 -12.65 6.86 29.71
N LYS B 107 -13.19 7.01 30.91
CA LYS B 107 -13.27 8.29 31.60
C LYS B 107 -12.29 8.33 32.76
N LEU B 108 -11.50 9.39 32.83
CA LEU B 108 -10.59 9.62 33.95
C LEU B 108 -11.18 10.66 34.88
N GLU B 109 -10.94 10.48 36.19
CA GLU B 109 -11.39 11.45 37.17
C GLU B 109 -10.42 11.46 38.33
N ILE B 110 -10.40 12.57 39.05
CA ILE B 110 -9.49 12.76 40.18
C ILE B 110 -10.14 12.16 41.42
N LYS B 111 -9.45 11.24 42.07
CA LYS B 111 -9.96 10.64 43.29
C LYS B 111 -10.03 11.68 44.41
N GLY B 112 -11.02 11.53 45.27
CA GLY B 112 -11.27 12.49 46.31
C GLY B 112 -12.04 13.72 45.89
N SER B 113 -12.47 13.78 44.63
CA SER B 113 -13.23 14.92 44.14
C SER B 113 -14.70 14.81 44.52
N SER B 485 -4.64 28.35 5.33
CA SER B 485 -3.30 27.81 5.12
C SER B 485 -2.94 26.81 6.21
N GLY B 486 -3.76 25.76 6.32
CA GLY B 486 -3.56 24.75 7.35
C GLY B 486 -4.64 24.81 8.41
N GLU B 487 -5.01 26.03 8.81
CA GLU B 487 -6.11 26.22 9.75
C GLU B 487 -7.43 26.16 8.99
N VAL B 488 -8.36 25.35 9.51
CA VAL B 488 -9.66 25.16 8.90
C VAL B 488 -10.74 25.37 9.95
N GLN B 489 -11.84 25.97 9.54
CA GLN B 489 -12.98 26.22 10.43
C GLN B 489 -14.19 25.46 9.89
N LEU B 490 -14.48 24.31 10.50
CA LEU B 490 -15.68 23.56 10.18
C LEU B 490 -16.86 24.09 10.98
N GLN B 491 -18.03 24.12 10.35
CA GLN B 491 -19.23 24.64 11.02
C GLN B 491 -20.44 23.88 10.50
N GLU B 492 -21.09 23.11 11.36
CA GLU B 492 -22.29 22.39 10.98
C GLU B 492 -23.53 23.28 11.12
N SER B 493 -24.57 22.91 10.39
CA SER B 493 -25.86 23.58 10.51
C SER B 493 -26.94 22.61 10.07
N GLY B 494 -28.16 22.88 10.51
CA GLY B 494 -29.29 22.05 10.17
C GLY B 494 -30.38 22.14 11.21
N PRO B 495 -31.54 21.56 10.91
CA PRO B 495 -32.66 21.62 11.85
C PRO B 495 -32.30 20.89 13.14
N GLY B 496 -32.84 21.39 14.25
CA GLY B 496 -32.60 20.81 15.54
C GLY B 496 -33.62 19.76 15.91
N LEU B 497 -34.89 20.08 15.76
CA LEU B 497 -35.99 19.20 16.13
C LEU B 497 -36.69 18.72 14.87
N VAL B 498 -36.81 17.40 14.72
CA VAL B 498 -37.42 16.79 13.54
C VAL B 498 -38.38 15.70 13.99
N LYS B 499 -39.34 15.42 13.13
CA LYS B 499 -40.30 14.36 13.38
C LYS B 499 -39.85 13.06 12.74
N PRO B 500 -40.30 11.92 13.25
CA PRO B 500 -39.86 10.64 12.66
C PRO B 500 -40.31 10.50 11.22
N SER B 501 -39.48 9.83 10.43
CA SER B 501 -39.72 9.49 9.04
C SER B 501 -39.53 10.68 8.10
N GLN B 502 -39.16 11.84 8.61
CA GLN B 502 -38.96 13.01 7.75
C GLN B 502 -37.58 12.95 7.08
N SER B 503 -37.42 13.75 6.04
CA SER B 503 -36.15 13.86 5.34
C SER B 503 -35.38 15.04 5.89
N LEU B 504 -34.08 14.83 6.15
CA LEU B 504 -33.24 15.81 6.81
C LEU B 504 -31.93 15.96 6.05
N SER B 505 -31.39 17.18 6.05
CA SER B 505 -30.14 17.48 5.38
C SER B 505 -29.28 18.36 6.28
N LEU B 506 -28.03 17.95 6.49
CA LEU B 506 -27.09 18.68 7.32
C LEU B 506 -26.01 19.29 6.45
N THR B 507 -25.66 20.55 6.73
CA THR B 507 -24.68 21.29 5.96
C THR B 507 -23.48 21.62 6.84
N CYS B 508 -22.29 21.35 6.32
CA CYS B 508 -21.03 21.71 6.97
C CYS B 508 -20.30 22.70 6.09
N SER B 509 -20.04 23.89 6.63
CA SER B 509 -19.40 24.96 5.88
C SER B 509 -17.93 25.07 6.29
N VAL B 510 -17.04 25.06 5.32
CA VAL B 510 -15.60 25.08 5.54
C VAL B 510 -15.08 26.45 5.12
N THR B 511 -14.31 27.08 6.00
CA THR B 511 -13.69 28.37 5.73
C THR B 511 -12.21 28.30 6.06
N GLY B 512 -11.41 29.03 5.30
CA GLY B 512 -9.97 28.99 5.45
C GLY B 512 -9.29 27.88 4.71
N TYR B 513 -10.04 27.02 4.02
CA TYR B 513 -9.45 25.94 3.24
C TYR B 513 -10.45 25.54 2.16
N SER B 514 -9.93 24.90 1.12
CA SER B 514 -10.75 24.48 -0.01
C SER B 514 -10.96 22.97 0.06
N ILE B 515 -12.22 22.55 0.02
CA ILE B 515 -12.54 21.13 0.11
C ILE B 515 -12.10 20.35 -1.13
N THR B 516 -11.74 21.05 -2.20
CA THR B 516 -11.21 20.40 -3.40
C THR B 516 -9.70 20.31 -3.41
N SER B 517 -9.04 20.73 -2.33
CA SER B 517 -7.58 20.79 -2.30
C SER B 517 -6.96 19.48 -1.81
N ASP B 518 -7.41 18.96 -0.68
CA ASP B 518 -6.82 17.75 -0.12
C ASP B 518 -7.68 17.30 1.06
N TYR B 519 -7.27 16.18 1.67
CA TYR B 519 -7.85 15.68 2.92
C TYR B 519 -9.23 15.08 2.71
N TYR B 520 -9.66 14.25 3.66
CA TYR B 520 -10.97 13.62 3.65
C TYR B 520 -11.93 14.40 4.52
N TRP B 521 -13.16 14.55 4.07
CA TRP B 521 -14.18 15.31 4.77
C TRP B 521 -15.29 14.36 5.19
N ASN B 522 -15.33 14.05 6.49
CA ASN B 522 -16.18 12.99 7.02
C ASN B 522 -17.34 13.57 7.83
N TRP B 523 -18.35 12.73 8.02
CA TRP B 523 -19.46 13.01 8.91
C TRP B 523 -19.47 11.95 10.00
N ILE B 524 -19.49 12.39 11.25
CA ILE B 524 -19.47 11.51 12.40
C ILE B 524 -20.53 11.97 13.39
N ARG B 525 -21.18 11.02 14.04
CA ARG B 525 -22.19 11.33 15.04
C ARG B 525 -21.88 10.60 16.34
N GLN B 526 -22.29 11.20 17.44
CA GLN B 526 -22.08 10.66 18.78
C GLN B 526 -23.42 10.54 19.48
N PHE B 527 -23.88 9.32 19.68
CA PHE B 527 -25.15 9.10 20.32
C PHE B 527 -25.06 9.46 21.80
N PRO B 528 -26.20 9.66 22.46
CA PRO B 528 -26.17 9.79 23.92
C PRO B 528 -25.52 8.56 24.54
N GLY B 529 -24.68 8.79 25.54
CA GLY B 529 -23.83 7.76 26.06
C GLY B 529 -22.42 7.77 25.51
N ASN B 530 -22.10 8.70 24.61
CA ASN B 530 -20.75 8.90 24.12
C ASN B 530 -20.29 7.76 23.20
N LYS B 531 -21.22 7.15 22.47
CA LYS B 531 -20.89 6.08 21.54
C LYS B 531 -20.69 6.70 20.16
N LEU B 532 -19.43 6.87 19.77
CA LEU B 532 -19.13 7.48 18.48
C LEU B 532 -19.42 6.51 17.35
N GLU B 533 -19.74 7.05 16.17
CA GLU B 533 -20.04 6.24 15.00
C GLU B 533 -19.65 7.01 13.75
N TRP B 534 -18.74 6.46 12.96
CA TRP B 534 -18.37 7.06 11.69
C TRP B 534 -19.43 6.75 10.65
N MET B 535 -19.77 7.75 9.84
CA MET B 535 -20.89 7.65 8.92
C MET B 535 -20.47 7.61 7.46
N ALA B 536 -19.70 8.58 6.99
CA ALA B 536 -19.27 8.60 5.61
C ALA B 536 -18.31 9.75 5.42
N TYR B 537 -17.65 9.77 4.26
CA TYR B 537 -16.77 10.87 3.90
C TYR B 537 -16.76 11.04 2.40
N ILE B 538 -16.37 12.23 1.97
CA ILE B 538 -16.17 12.53 0.56
C ILE B 538 -14.78 13.12 0.41
N ARG B 539 -13.95 12.49 -0.42
CA ARG B 539 -12.59 12.95 -0.60
C ARG B 539 -12.53 14.13 -1.55
N TYR B 540 -11.39 14.82 -1.56
CA TYR B 540 -11.24 15.98 -2.43
C TYR B 540 -11.34 15.57 -3.90
N ASP B 541 -10.99 14.33 -4.23
CA ASP B 541 -11.17 13.85 -5.60
C ASP B 541 -12.63 13.76 -5.99
N GLY B 542 -13.54 13.70 -5.02
CA GLY B 542 -14.93 13.42 -5.26
C GLY B 542 -15.34 12.00 -4.93
N THR B 543 -14.36 11.10 -4.76
CA THR B 543 -14.68 9.74 -4.35
C THR B 543 -15.21 9.75 -2.92
N SER B 544 -16.26 8.97 -2.69
CA SER B 544 -16.92 8.92 -1.40
C SER B 544 -17.02 7.48 -0.92
N ASP B 545 -17.03 7.32 0.40
CA ASP B 545 -17.19 6.03 1.04
C ASP B 545 -18.25 6.14 2.11
N TYR B 546 -18.99 5.05 2.30
CA TYR B 546 -20.14 5.05 3.19
C TYR B 546 -19.99 3.92 4.23
N ASN B 547 -20.61 4.13 5.37
CA ASN B 547 -20.73 3.06 6.35
C ASN B 547 -21.72 2.02 5.80
N PRO B 548 -21.33 0.75 5.68
CA PRO B 548 -22.25 -0.22 5.08
C PRO B 548 -23.59 -0.30 5.77
N SER B 549 -23.63 -0.13 7.10
CA SER B 549 -24.90 -0.18 7.81
C SER B 549 -25.83 0.95 7.42
N LEU B 550 -25.30 2.07 6.91
CA LEU B 550 -26.09 3.24 6.60
C LEU B 550 -26.09 3.60 5.12
N LYS B 551 -25.38 2.85 4.28
CA LYS B 551 -25.30 3.21 2.87
C LYS B 551 -26.67 3.30 2.23
N ASN B 552 -27.64 2.56 2.75
CA ASN B 552 -28.99 2.56 2.20
C ASN B 552 -29.84 3.72 2.70
N ARG B 553 -29.36 4.50 3.66
CA ARG B 553 -30.17 5.54 4.27
C ARG B 553 -29.64 6.96 4.06
N ILE B 554 -28.35 7.14 3.77
CA ILE B 554 -27.74 8.45 3.71
C ILE B 554 -27.01 8.62 2.39
N SER B 555 -26.79 9.88 2.01
CA SER B 555 -26.01 10.23 0.84
C SER B 555 -25.24 11.51 1.14
N ILE B 556 -23.97 11.53 0.73
CA ILE B 556 -23.08 12.66 0.97
C ILE B 556 -22.76 13.32 -0.35
N THR B 557 -22.93 14.64 -0.42
CA THR B 557 -22.65 15.42 -1.61
C THR B 557 -21.89 16.68 -1.21
N ARG B 558 -21.35 17.37 -2.20
CA ARG B 558 -20.58 18.58 -1.95
C ARG B 558 -20.92 19.63 -3.00
N ASP B 559 -20.67 20.89 -2.64
CA ASP B 559 -20.85 22.03 -3.53
C ASP B 559 -19.57 22.86 -3.47
N THR B 560 -18.67 22.62 -4.42
CA THR B 560 -17.36 23.27 -4.37
C THR B 560 -17.48 24.78 -4.49
N SER B 561 -18.50 25.28 -5.18
CA SER B 561 -18.62 26.72 -5.39
C SER B 561 -18.71 27.46 -4.06
N LYS B 562 -19.56 26.97 -3.15
CA LYS B 562 -19.70 27.57 -1.83
C LYS B 562 -18.76 26.97 -0.80
N ASN B 563 -18.01 25.93 -1.16
CA ASN B 563 -17.08 25.29 -0.23
C ASN B 563 -17.83 24.65 0.93
N GLN B 564 -18.82 23.83 0.61
CA GLN B 564 -19.61 23.13 1.60
C GLN B 564 -19.85 21.71 1.14
N PHE B 565 -20.00 20.80 2.10
CA PHE B 565 -20.41 19.43 1.82
C PHE B 565 -21.55 19.06 2.75
N PHE B 566 -22.60 18.46 2.20
CA PHE B 566 -23.83 18.17 2.92
C PHE B 566 -23.97 16.68 3.17
N LEU B 567 -24.81 16.35 4.16
CA LEU B 567 -25.22 14.99 4.43
C LEU B 567 -26.74 14.95 4.47
N LYS B 568 -27.32 13.98 3.76
CA LYS B 568 -28.76 13.85 3.68
C LYS B 568 -29.19 12.56 4.36
N LEU B 569 -30.13 12.68 5.30
CA LEU B 569 -30.73 11.53 5.95
C LEU B 569 -32.21 11.48 5.59
N ASN B 570 -32.65 10.34 5.07
CA ASN B 570 -34.04 10.15 4.66
C ASN B 570 -34.68 9.10 5.55
N SER B 571 -35.90 9.38 5.99
CA SER B 571 -36.63 8.48 6.88
C SER B 571 -35.89 8.29 8.20
N VAL B 572 -35.67 9.40 8.89
CA VAL B 572 -34.99 9.36 10.18
C VAL B 572 -35.93 8.74 11.22
N ALA B 573 -35.34 7.98 12.14
CA ALA B 573 -36.07 7.35 13.22
C ALA B 573 -35.57 7.88 14.55
N THR B 574 -36.30 7.53 15.62
CA THR B 574 -35.94 8.02 16.94
C THR B 574 -34.51 7.61 17.32
N GLU B 575 -34.01 6.54 16.73
CA GLU B 575 -32.65 6.08 17.01
C GLU B 575 -31.58 6.99 16.43
N ASP B 576 -31.95 7.95 15.60
CA ASP B 576 -30.99 8.86 14.98
C ASP B 576 -30.65 10.06 15.85
N THR B 577 -31.26 10.19 17.02
CA THR B 577 -30.94 11.30 17.92
C THR B 577 -29.48 11.22 18.33
N ALA B 578 -28.71 12.26 18.03
CA ALA B 578 -27.29 12.28 18.33
C ALA B 578 -26.73 13.65 17.98
N THR B 579 -25.45 13.85 18.30
CA THR B 579 -24.72 15.05 17.94
C THR B 579 -23.86 14.75 16.72
N TYR B 580 -24.04 15.51 15.66
CA TYR B 580 -23.38 15.24 14.38
C TYR B 580 -22.21 16.18 14.19
N TYR B 581 -21.03 15.62 13.95
CA TYR B 581 -19.81 16.37 13.69
C TYR B 581 -19.39 16.19 12.24
N CYS B 582 -18.87 17.26 11.65
CA CYS B 582 -18.18 17.19 10.36
C CYS B 582 -16.71 17.45 10.60
N ALA B 583 -15.86 16.48 10.25
CA ALA B 583 -14.45 16.52 10.60
C ALA B 583 -13.60 16.29 9.37
N ARG B 584 -12.50 17.03 9.27
CA ARG B 584 -11.51 16.82 8.24
C ARG B 584 -10.51 15.76 8.70
N ALA B 585 -9.98 15.00 7.76
CA ALA B 585 -9.08 13.91 8.10
C ALA B 585 -8.07 13.71 6.99
N TYR B 586 -6.94 13.12 7.36
CA TYR B 586 -5.90 12.72 6.43
C TYR B 586 -5.50 11.29 6.74
N TYR B 587 -5.10 10.55 5.71
CA TYR B 587 -4.78 9.14 5.85
C TYR B 587 -3.28 8.97 6.02
N TYR B 588 -2.88 8.42 7.17
CA TYR B 588 -1.48 8.03 7.40
C TYR B 588 -1.51 7.02 8.54
N ASP B 589 -1.15 5.78 8.24
CA ASP B 589 -1.30 4.68 9.20
C ASP B 589 -2.75 4.59 9.68
N GLY B 590 -3.67 4.82 8.76
CA GLY B 590 -5.08 4.89 9.07
C GLY B 590 -5.62 6.30 8.87
N ILE B 591 -6.92 6.42 9.07
CA ILE B 591 -7.61 7.70 8.90
C ILE B 591 -7.63 8.41 10.24
N ASN B 592 -7.21 9.67 10.25
CA ASN B 592 -7.10 10.45 11.47
C ASN B 592 -7.98 11.69 11.34
N PHE B 593 -8.94 11.85 12.25
CA PHE B 593 -9.84 13.00 12.25
C PHE B 593 -9.23 14.09 13.12
N ASP B 594 -8.24 14.78 12.55
CA ASP B 594 -7.50 15.78 13.32
C ASP B 594 -8.36 17.01 13.61
N TYR B 595 -9.14 17.47 12.64
CA TYR B 595 -9.91 18.70 12.77
C TYR B 595 -11.40 18.37 12.83
N TRP B 596 -12.09 18.94 13.82
CA TRP B 596 -13.50 18.69 14.04
C TRP B 596 -14.26 20.00 14.12
N GLY B 597 -15.52 19.96 13.70
CA GLY B 597 -16.42 21.06 13.94
C GLY B 597 -17.04 20.97 15.32
N GLN B 598 -17.73 22.04 15.72
CA GLN B 598 -18.35 22.06 17.03
C GLN B 598 -19.51 21.09 17.15
N GLY B 599 -20.07 20.64 16.03
CA GLY B 599 -21.15 19.67 16.08
C GLY B 599 -22.51 20.33 16.20
N THR B 600 -23.53 19.64 15.68
CA THR B 600 -24.90 20.11 15.72
C THR B 600 -25.76 19.02 16.36
N THR B 601 -26.63 19.43 17.28
CA THR B 601 -27.50 18.51 17.99
C THR B 601 -28.77 18.28 17.18
N LEU B 602 -29.06 17.01 16.90
CA LEU B 602 -30.26 16.63 16.17
C LEU B 602 -31.13 15.79 17.10
N THR B 603 -32.39 16.21 17.25
CA THR B 603 -33.36 15.52 18.09
C THR B 603 -34.54 15.09 17.24
N VAL B 604 -34.87 13.80 17.29
CA VAL B 604 -36.00 13.25 16.56
C VAL B 604 -37.05 12.84 17.59
N SER B 605 -38.21 13.47 17.54
CA SER B 605 -39.27 13.24 18.51
C SER B 605 -40.61 13.18 17.79
N SER B 606 -41.44 12.22 18.19
CA SER B 606 -42.77 12.10 17.61
C SER B 606 -43.61 13.33 17.91
N GLU B 607 -43.50 13.85 19.13
CA GLU B 607 -44.23 15.03 19.55
C GLU B 607 -43.30 16.24 19.56
N ASN B 608 -43.82 17.37 19.09
CA ASN B 608 -43.02 18.59 19.02
C ASN B 608 -42.70 19.07 20.44
N LEU B 609 -41.44 18.91 20.83
CA LEU B 609 -41.02 19.32 22.17
C LEU B 609 -41.21 20.81 22.36
N TYR B 610 -41.77 21.20 23.51
CA TYR B 610 -41.94 22.59 23.87
C TYR B 610 -41.66 22.75 25.35
N PHE B 611 -41.10 23.91 25.70
CA PHE B 611 -40.70 24.20 27.09
C PHE B 611 -39.73 23.14 27.60
N GLN B 612 -38.85 22.68 26.72
CA GLN B 612 -37.89 21.64 27.07
C GLN B 612 -36.64 21.76 26.21
PB ADP C . 10.19 -12.04 -5.73
O1B ADP C . 11.27 -11.01 -5.94
O2B ADP C . 10.49 -13.40 -6.31
O3B ADP C . 9.61 -12.07 -4.33
PA ADP C . 9.13 -11.33 -8.22
O1A ADP C . 10.33 -10.44 -8.47
O2A ADP C . 9.07 -12.70 -8.85
O3A ADP C . 8.97 -11.49 -6.63
O5' ADP C . 7.81 -10.51 -8.59
C5' ADP C . 7.53 -10.15 -9.94
C4' ADP C . 6.73 -8.86 -9.95
O4' ADP C . 5.51 -9.01 -9.20
C3' ADP C . 7.52 -7.74 -9.31
O3' ADP C . 7.92 -6.79 -10.30
C2' ADP C . 6.58 -7.11 -8.29
O2' ADP C . 6.44 -5.70 -8.53
C1' ADP C . 5.26 -7.82 -8.46
N9 ADP C . 4.65 -8.13 -7.13
C8 ADP C . 3.59 -7.49 -6.60
N7 ADP C . 3.30 -8.00 -5.37
C5 ADP C . 4.18 -8.98 -5.12
C6 ADP C . 4.42 -9.92 -4.00
N6 ADP C . 3.65 -9.92 -2.89
N1 ADP C . 5.45 -10.79 -4.13
C2 ADP C . 6.23 -10.81 -5.22
N3 ADP C . 6.06 -9.98 -6.26
C4 ADP C . 5.07 -9.06 -6.27
H5'1 ADP C . 6.96 -10.95 -10.42
H5'2 ADP C . 8.47 -10.03 -10.49
H4' ADP C . 6.51 -8.60 -10.99
H3' ADP C . 8.39 -8.16 -8.79
HO3' ADP C . 8.54 -6.15 -9.90
H2' ADP C . 6.98 -7.29 -7.28
HO2' ADP C . 7.27 -5.26 -8.32
H1' ADP C . 4.58 -7.17 -9.03
H8 ADP C . 3.06 -6.69 -7.08
HN61 ADP C . 3.84 -10.57 -2.14
HN62 ADP C . 2.89 -9.27 -2.81
H2 ADP C . 7.04 -11.53 -5.26
C44 PEV D . 17.41 6.66 -13.05
C43 PEV D . 16.90 6.43 -14.47
C42 PEV D . 16.42 5.01 -14.72
C41 PEV D . 17.42 4.16 -15.51
C40 PEV D . 17.39 4.44 -17.00
C39 PEV D . 18.17 3.41 -17.80
C38 PEV D . 19.68 3.51 -17.61
C37 PEV D . 20.45 3.47 -18.92
C36 PEV D . 20.37 2.12 -19.63
C35 PEV D . 20.39 2.25 -21.14
C34 PEV D . 21.74 2.71 -21.67
C33 PEV D . 22.39 1.71 -22.63
C32 PEV D . 23.90 1.86 -22.64
C31 PEV D . 24.52 1.55 -23.97
O31 PEV D . 23.96 1.64 -25.03
O2 PEV D . 25.79 1.17 -23.84
C2 PEV D . 26.80 2.15 -23.58
C1 PEV D . 27.85 2.13 -24.66
O3P PEV D . 28.15 0.80 -25.04
P PEV D . 28.88 0.56 -26.49
O1P PEV D . 29.39 1.86 -27.04
O2P PEV D . 29.80 -0.63 -26.39
O4P PEV D . 27.52 0.08 -27.28
C4 PEV D . 26.24 0.49 -26.83
C5 PEV D . 25.21 0.11 -27.88
N6 PEV D . 25.78 -0.82 -28.84
C3 PEV D . 27.30 1.92 -22.18
O3 PEV D . 26.52 2.57 -21.18
C11 PEV D . 27.13 3.35 -20.28
O11 PEV D . 27.16 4.55 -20.36
C12 PEV D . 27.75 2.54 -19.19
C13 PEV D . 26.93 1.33 -18.76
C14 PEV D . 25.48 1.70 -18.42
C15 PEV D . 25.32 2.85 -17.43
C16 PEV D . 25.83 2.50 -16.03
C17 PEV D . 27.27 2.94 -15.78
C18 PEV D . 27.66 2.91 -14.31
C19 PEV D . 26.96 3.97 -13.47
C20 PEV D . 25.95 3.39 -12.50
C21 PEV D . 26.60 2.79 -11.25
C22 PEV D . 25.76 1.70 -10.59
C23 PEV D . 25.64 1.86 -9.08
H431 PEV D . 16.19 7.06 -14.67
H432 PEV D . 17.61 6.64 -15.10
H421 PEV D . 16.25 4.57 -13.87
H422 PEV D . 15.57 5.03 -15.19
H411 PEV D . 18.31 4.32 -15.17
H412 PEV D . 17.23 3.23 -15.35
H401 PEV D . 16.47 4.44 -17.31
H402 PEV D . 17.74 5.32 -17.18
H391 PEV D . 17.87 2.52 -17.56
H392 PEV D . 17.96 3.51 -18.75
H381 PEV D . 19.89 4.33 -17.14
H382 PEV D . 19.97 2.79 -17.03
H371 PEV D . 20.12 4.17 -19.51
H372 PEV D . 21.38 3.68 -18.75
H361 PEV D . 21.11 1.56 -19.34
H362 PEV D . 19.56 1.65 -19.35
H351 PEV D . 20.15 1.40 -21.54
H352 PEV D . 19.70 2.88 -21.42
H341 PEV D . 21.63 3.55 -22.14
H342 PEV D . 22.34 2.89 -20.93
H331 PEV D . 22.14 0.81 -22.36
H332 PEV D . 22.04 1.84 -23.52
H321 PEV D . 24.16 2.74 -22.36
H322 PEV D . 24.30 1.25 -21.99
H2 PEV D . 26.40 3.04 -23.58
H11 PEV D . 27.54 2.65 -25.43
H12 PEV D . 28.64 2.59 -24.33
H41 PEV D . 26.01 0.05 -25.99
H42 PEV D . 26.21 1.45 -26.68
H51 PEV D . 24.48 -0.31 -27.42
H52 PEV D . 24.86 0.93 -28.26
H31 PEV D . 27.37 0.96 -22.02
H32 PEV D . 28.20 2.29 -22.10
H121 PEV D . 28.63 2.26 -19.47
H122 PEV D . 27.90 3.12 -18.43
H131 PEV D . 27.34 0.91 -17.99
H132 PEV D . 26.92 0.67 -19.47
H141 PEV D . 25.01 1.93 -19.24
H142 PEV D . 25.03 0.92 -18.06
H151 PEV D . 25.79 3.63 -17.76
H152 PEV D . 24.39 3.10 -17.37
H161 PEV D . 25.26 2.93 -15.38
H162 PEV D . 25.75 1.55 -15.89
H171 PEV D . 27.88 2.36 -16.27
H172 PEV D . 27.41 3.83 -16.14
H181 PEV D . 27.46 2.04 -13.94
H182 PEV D . 28.62 3.03 -14.23
H191 PEV D . 27.62 4.50 -12.99
H192 PEV D . 26.51 4.59 -14.07
H201 PEV D . 25.32 4.09 -12.22
H202 PEV D . 25.42 2.71 -12.94
H211 PEV D . 27.46 2.42 -11.49
H212 PEV D . 26.78 3.50 -10.62
H221 PEV D . 24.87 1.71 -10.98
H222 PEV D . 26.14 0.83 -10.79
H231 PEV D . 26.45 1.53 -8.65
H232 PEV D . 25.59 2.81 -8.85
#